data_5DYG
#
_entry.id   5DYG
#
_cell.length_a   145.584
_cell.length_b   145.584
_cell.length_c   84.002
_cell.angle_alpha   90.00
_cell.angle_beta   90.00
_cell.angle_gamma   120.00
#
_symmetry.space_group_name_H-M   'P 6 2 2'
#
loop_
_entity.id
_entity.type
_entity.pdbx_description
1 polymer 'Transitional endoplasmic reticulum ATPase'
2 non-polymer "ADENOSINE-5'-DIPHOSPHATE"
3 water water
#
_entity_poly.entity_id   1
_entity_poly.type   'polypeptide(L)'
_entity_poly.pdbx_seq_one_letter_code
;MASGADSKGDDLSTAILKQKNRPNRLIVDEAINEDNSVVSLSQPKMDELQLFRGDTVLLKGKKRREAVCIVLSDDTCSDE
KIRMNRVVRNNLRVRLGDVISIQPCPDVKYGKRIHVLPIDDTVEGITGNLFEVYLKPYFLEAYRPIRKGDIFLVRGGMRA
VEFKVVETDPSPYCIVAPDTVIHCEGEPIKREDEEESWNEVGYDDIGGCRKQLAQIKEMVELPLRHPALFKAIGVKPPRG
ILLYGPPGTGKTLIARAVANETGAFFFLINGPEIMSKLAGESESNLRKAFEEAEKNAPAIIFIDELDAIAPKREKTHGEV
ERRIVSQLLTLMDGLKQRAHVIVMAATNRPNSIDPALRRFGRFDREVDIGIPDATGRLEILQIHTKNMKLADDVDLEQVA
NETHGHVGADLAALCSEAALQAIRKKMDLIDLEDETIDAEVMNSLAVTMDDFRWALSQSNRSHHHHHH
;
_entity_poly.pdbx_strand_id   A
#
loop_
_chem_comp.id
_chem_comp.type
_chem_comp.name
_chem_comp.formula
ADP non-polymer ADENOSINE-5'-DIPHOSPHATE 'C10 H15 N5 O10 P2'
#
# COMPACT_ATOMS: atom_id res chain seq x y z
N ALA A 15 -20.43 23.09 34.42
CA ALA A 15 -20.31 22.31 33.14
C ALA A 15 -18.98 22.58 32.40
N ILE A 16 -18.57 21.59 31.60
CA ILE A 16 -17.38 21.65 30.79
C ILE A 16 -17.82 21.40 29.34
N LEU A 17 -18.12 22.48 28.62
CA LEU A 17 -18.63 22.38 27.24
C LEU A 17 -17.51 22.30 26.20
N LYS A 18 -17.89 21.85 25.01
CA LYS A 18 -17.04 21.88 23.86
C LYS A 18 -17.98 21.51 22.74
N GLN A 19 -17.90 22.23 21.61
CA GLN A 19 -18.77 21.94 20.48
C GLN A 19 -18.55 20.49 20.04
N LYS A 20 -19.67 19.84 19.72
CA LYS A 20 -19.71 18.55 19.04
C LYS A 20 -20.15 18.82 17.59
N ASN A 21 -19.85 17.87 16.70
CA ASN A 21 -20.11 18.04 15.27
C ASN A 21 -19.26 19.16 14.60
N ARG A 22 -18.01 19.21 15.00
CA ARG A 22 -17.15 20.31 14.62
C ARG A 22 -16.93 20.28 13.09
N PRO A 23 -16.87 21.46 12.42
CA PRO A 23 -16.69 21.49 10.95
C PRO A 23 -15.25 21.19 10.45
N ASN A 24 -14.30 21.13 11.39
CA ASN A 24 -12.92 20.84 11.07
C ASN A 24 -12.55 19.36 11.29
N ARG A 25 -13.55 18.51 11.55
CA ARG A 25 -13.37 17.07 11.62
C ARG A 25 -13.66 16.50 10.23
N LEU A 26 -12.73 15.73 9.67
CA LEU A 26 -12.84 15.23 8.30
C LEU A 26 -12.49 13.77 8.21
N ILE A 27 -13.13 13.10 7.24
CA ILE A 27 -12.93 11.66 7.01
C ILE A 27 -11.73 11.52 6.14
N VAL A 28 -10.80 10.66 6.50
CA VAL A 28 -9.59 10.56 5.67
C VAL A 28 -9.82 9.69 4.41
N ASP A 29 -9.32 10.17 3.29
CA ASP A 29 -9.55 9.59 1.97
C ASP A 29 -8.19 9.52 1.28
N GLU A 30 -8.11 8.78 0.19
CA GLU A 30 -6.85 8.57 -0.54
C GLU A 30 -6.30 9.84 -1.15
N ALA A 31 -4.96 9.91 -1.20
CA ALA A 31 -4.24 10.93 -1.98
C ALA A 31 -4.49 10.78 -3.49
N ILE A 32 -4.64 11.90 -4.15
CA ILE A 32 -4.58 11.91 -5.62
C ILE A 32 -3.20 12.50 -6.00
N ASN A 33 -2.86 13.65 -5.41
CA ASN A 33 -1.49 14.15 -5.38
C ASN A 33 -0.62 13.47 -4.30
N GLU A 34 0.41 12.77 -4.76
CA GLU A 34 1.13 11.71 -4.01
C GLU A 34 2.15 12.15 -2.92
N ASP A 35 2.22 13.45 -2.62
CA ASP A 35 3.34 14.04 -1.88
C ASP A 35 3.21 13.89 -0.37
N ASN A 36 4.32 13.64 0.32
CA ASN A 36 4.29 13.54 1.79
C ASN A 36 3.88 14.81 2.52
N SER A 37 4.08 15.96 1.90
CA SER A 37 3.83 17.22 2.53
C SER A 37 2.48 17.85 2.23
N VAL A 38 1.66 17.29 1.34
CA VAL A 38 0.39 17.97 0.95
C VAL A 38 -0.86 17.21 1.35
N VAL A 39 -1.88 17.95 1.78
CA VAL A 39 -3.22 17.41 1.97
C VAL A 39 -4.17 18.21 1.07
N SER A 40 -5.28 17.61 0.73
CA SER A 40 -6.28 18.26 -0.12
C SER A 40 -7.64 18.28 0.56
N LEU A 41 -8.27 19.46 0.55
CA LEU A 41 -9.67 19.64 0.93
C LEU A 41 -10.43 20.08 -0.31
N SER A 42 -11.76 20.09 -0.21
CA SER A 42 -12.60 20.77 -1.22
C SER A 42 -12.58 22.30 -0.99
N GLN A 43 -12.80 23.05 -2.07
CA GLN A 43 -12.84 24.50 -1.97
C GLN A 43 -13.89 25.00 -0.96
N PRO A 44 -15.14 24.48 -1.03
CA PRO A 44 -16.13 24.91 -0.02
C PRO A 44 -15.70 24.68 1.43
N LYS A 45 -14.91 23.63 1.71
CA LYS A 45 -14.42 23.36 3.08
C LYS A 45 -13.39 24.39 3.50
N MET A 46 -12.47 24.67 2.59
CA MET A 46 -11.44 25.68 2.78
C MET A 46 -12.04 27.04 3.09
N ASP A 47 -12.92 27.51 2.19
CA ASP A 47 -13.80 28.67 2.44
C ASP A 47 -14.38 28.65 3.83
N GLU A 48 -15.13 27.59 4.17
CA GLU A 48 -15.74 27.46 5.50
C GLU A 48 -14.74 27.56 6.65
N LEU A 49 -13.53 27.01 6.45
CA LEU A 49 -12.51 26.95 7.52
C LEU A 49 -11.53 28.14 7.48
N GLN A 50 -11.65 28.99 6.45
CA GLN A 50 -10.76 30.13 6.27
C GLN A 50 -9.33 29.66 6.07
N LEU A 51 -9.16 28.66 5.22
CA LEU A 51 -7.82 28.24 4.78
C LEU A 51 -7.70 28.60 3.32
N PHE A 52 -6.45 28.86 2.93
CA PHE A 52 -6.08 29.24 1.60
C PHE A 52 -4.97 28.37 1.03
N ARG A 53 -5.04 28.18 -0.29
CA ARG A 53 -4.07 27.46 -1.09
C ARG A 53 -2.60 27.72 -0.65
N GLY A 54 -1.89 26.69 -0.22
CA GLY A 54 -0.50 26.83 0.20
C GLY A 54 -0.27 27.12 1.68
N ASP A 55 -1.34 27.34 2.44
CA ASP A 55 -1.22 27.50 3.89
C ASP A 55 -0.68 26.27 4.57
N THR A 56 -0.01 26.50 5.69
CA THR A 56 0.42 25.42 6.59
C THR A 56 -0.76 25.09 7.49
N VAL A 57 -1.03 23.80 7.64
CA VAL A 57 -2.14 23.33 8.46
C VAL A 57 -1.61 22.32 9.48
N LEU A 58 -2.20 22.32 10.66
CA LEU A 58 -1.83 21.38 11.71
C LEU A 58 -2.95 20.34 11.69
N LEU A 59 -2.56 19.07 11.61
CA LEU A 59 -3.47 17.94 11.55
C LEU A 59 -3.34 17.13 12.82
N LYS A 60 -4.48 16.82 13.45
CA LYS A 60 -4.50 15.91 14.60
C LYS A 60 -5.20 14.56 14.33
N GLY A 61 -4.52 13.48 14.69
CA GLY A 61 -5.06 12.15 14.49
C GLY A 61 -5.22 11.35 15.76
N LYS A 62 -4.98 10.06 15.67
CA LYS A 62 -5.15 9.19 16.82
C LYS A 62 -3.90 9.23 17.69
N LYS A 63 -4.04 8.67 18.89
CA LYS A 63 -2.95 8.55 19.85
C LYS A 63 -2.16 9.80 20.06
N ARG A 64 -2.86 10.94 20.05
CA ARG A 64 -2.24 12.23 20.32
C ARG A 64 -1.18 12.63 19.27
N ARG A 65 -1.21 11.98 18.10
CA ARG A 65 -0.25 12.29 17.05
C ARG A 65 -0.73 13.51 16.28
N GLU A 66 0.24 14.29 15.81
CA GLU A 66 0.05 15.48 15.03
C GLU A 66 0.97 15.46 13.82
N ALA A 67 0.57 16.20 12.81
CA ALA A 67 1.39 16.41 11.63
C ALA A 67 1.15 17.79 11.03
N VAL A 68 2.16 18.28 10.33
CA VAL A 68 2.11 19.59 9.67
C VAL A 68 2.24 19.39 8.17
N CYS A 69 1.47 20.12 7.39
CA CYS A 69 1.33 19.86 5.95
C CYS A 69 0.91 21.15 5.21
N ILE A 70 1.04 21.12 3.90
CA ILE A 70 0.57 22.21 3.03
C ILE A 70 -0.83 21.83 2.54
N VAL A 71 -1.81 22.70 2.72
CA VAL A 71 -3.16 22.43 2.23
C VAL A 71 -3.35 22.96 0.80
N LEU A 72 -3.95 22.15 -0.07
CA LEU A 72 -4.39 22.57 -1.42
C LEU A 72 -5.86 22.25 -1.68
N SER A 73 -6.41 22.89 -2.71
CA SER A 73 -7.77 22.59 -3.18
C SER A 73 -7.67 21.42 -4.14
N ASP A 74 -8.67 20.54 -4.10
CA ASP A 74 -8.85 19.44 -5.06
C ASP A 74 -10.31 19.51 -5.49
N ASP A 75 -10.60 19.47 -6.79
CA ASP A 75 -11.99 19.63 -7.26
C ASP A 75 -12.86 18.36 -7.21
N THR A 76 -12.27 17.21 -6.85
CA THR A 76 -13.01 15.95 -6.60
C THR A 76 -13.13 15.50 -5.13
N CYS A 77 -12.51 16.23 -4.21
CA CYS A 77 -12.61 15.86 -2.79
C CYS A 77 -13.99 16.20 -2.27
N SER A 78 -14.65 15.26 -1.58
CA SER A 78 -15.94 15.55 -0.95
C SER A 78 -15.68 16.48 0.22
N ASP A 79 -16.69 17.30 0.52
CA ASP A 79 -16.59 18.35 1.53
C ASP A 79 -16.17 17.82 2.92
N GLU A 80 -16.62 16.61 3.29
CA GLU A 80 -16.35 16.05 4.63
C GLU A 80 -15.06 15.28 4.65
N LYS A 81 -14.35 15.23 3.53
CA LYS A 81 -13.16 14.40 3.40
C LYS A 81 -11.90 15.21 3.24
N ILE A 82 -10.78 14.54 3.49
CA ILE A 82 -9.45 15.09 3.29
C ILE A 82 -8.65 14.04 2.55
N ARG A 83 -7.92 14.45 1.53
CA ARG A 83 -7.07 13.53 0.82
C ARG A 83 -5.72 13.61 1.47
N MET A 84 -5.20 12.51 1.97
CA MET A 84 -3.82 12.46 2.46
C MET A 84 -3.16 11.14 2.07
N ASN A 85 -1.86 11.17 1.86
CA ASN A 85 -1.12 9.99 1.39
C ASN A 85 -0.78 9.09 2.58
N ARG A 86 -0.27 7.91 2.26
CA ARG A 86 -0.06 6.91 3.29
C ARG A 86 0.97 7.32 4.34
N VAL A 87 2.00 8.07 3.96
CA VAL A 87 3.02 8.51 4.91
C VAL A 87 2.45 9.33 6.07
N VAL A 88 1.61 10.27 5.67
CA VAL A 88 0.95 11.17 6.58
C VAL A 88 -0.04 10.41 7.44
N ARG A 89 -0.77 9.46 6.87
CA ARG A 89 -1.70 8.67 7.66
C ARG A 89 -0.99 7.92 8.79
N ASN A 90 0.16 7.31 8.49
CA ASN A 90 0.91 6.55 9.48
C ASN A 90 1.40 7.47 10.54
N ASN A 91 1.82 8.68 10.17
CA ASN A 91 2.30 9.71 11.12
C ASN A 91 1.18 10.15 12.05
N LEU A 92 -0.02 10.17 11.52
CA LEU A 92 -1.21 10.42 12.29
C LEU A 92 -1.84 9.24 13.00
N ARG A 93 -1.43 8.01 12.67
CA ARG A 93 -2.06 6.79 13.17
C ARG A 93 -3.51 6.67 12.77
N VAL A 94 -3.81 7.02 11.52
CA VAL A 94 -5.16 6.83 11.00
C VAL A 94 -5.17 5.92 9.79
N ARG A 95 -6.32 5.33 9.52
CA ARG A 95 -6.57 4.53 8.33
C ARG A 95 -7.51 5.29 7.47
N LEU A 96 -7.66 4.88 6.22
CA LEU A 96 -8.68 5.46 5.39
C LEU A 96 -9.97 5.22 6.11
N GLY A 97 -10.84 6.22 6.11
CA GLY A 97 -12.10 6.12 6.77
C GLY A 97 -12.12 6.67 8.16
N ASP A 98 -10.96 6.79 8.85
CA ASP A 98 -10.95 7.40 10.18
C ASP A 98 -11.15 8.92 10.06
N VAL A 99 -11.27 9.59 11.21
CA VAL A 99 -11.38 11.05 11.17
C VAL A 99 -10.21 11.75 11.89
N ILE A 100 -9.84 12.89 11.32
CA ILE A 100 -8.86 13.82 11.86
C ILE A 100 -9.49 15.20 12.00
N SER A 101 -8.76 16.08 12.69
CA SER A 101 -9.06 17.51 12.73
C SER A 101 -7.91 18.31 12.11
N ILE A 102 -8.30 19.46 11.59
CA ILE A 102 -7.40 20.32 10.86
C ILE A 102 -7.61 21.75 11.36
N GLN A 103 -6.52 22.47 11.54
CA GLN A 103 -6.57 23.87 11.86
C GLN A 103 -5.37 24.56 11.25
N PRO A 104 -5.48 25.89 10.99
CA PRO A 104 -4.36 26.72 10.57
C PRO A 104 -3.17 26.55 11.48
N CYS A 105 -1.97 26.61 10.90
CA CYS A 105 -0.72 26.68 11.64
C CYS A 105 0.08 27.81 10.97
N PRO A 106 -0.24 29.08 11.27
CA PRO A 106 0.57 30.19 10.73
C PRO A 106 1.79 30.48 11.62
N ASP A 107 1.91 29.74 12.73
CA ASP A 107 3.05 29.74 13.66
C ASP A 107 4.41 29.30 13.04
N VAL A 108 4.41 28.65 11.86
CA VAL A 108 5.54 27.82 11.40
C VAL A 108 6.67 28.66 10.80
N LYS A 109 7.87 28.43 11.31
CA LYS A 109 9.03 29.24 10.97
C LYS A 109 9.99 28.40 10.15
N TYR A 110 10.80 29.07 9.33
CA TYR A 110 11.99 28.48 8.71
C TYR A 110 12.89 27.84 9.78
N GLY A 111 13.27 26.58 9.62
CA GLY A 111 14.13 25.91 10.59
C GLY A 111 15.60 26.29 10.52
N LYS A 112 16.21 26.42 11.69
CA LYS A 112 17.67 26.58 11.78
C LYS A 112 18.33 25.24 11.50
N ARG A 113 17.88 24.20 12.19
CA ARG A 113 18.47 22.89 12.04
C ARG A 113 17.48 21.78 12.42
N ILE A 114 17.67 20.61 11.80
CA ILE A 114 16.88 19.41 12.10
C ILE A 114 17.80 18.22 12.19
N HIS A 115 17.38 17.21 12.94
CA HIS A 115 18.11 15.96 12.99
C HIS A 115 17.26 14.89 12.37
N VAL A 116 17.83 14.10 11.49
CA VAL A 116 17.11 12.95 11.01
C VAL A 116 17.98 11.71 11.15
N LEU A 117 17.34 10.57 11.39
CA LEU A 117 17.96 9.29 11.29
C LEU A 117 17.27 8.38 10.27
N PRO A 118 18.05 7.53 9.60
CA PRO A 118 17.48 6.52 8.73
C PRO A 118 16.86 5.37 9.50
N ILE A 119 15.86 4.76 8.88
CA ILE A 119 15.35 3.51 9.39
C ILE A 119 16.13 2.35 8.78
N ASP A 120 16.67 1.51 9.65
CA ASP A 120 17.73 0.56 9.35
C ASP A 120 17.51 -0.33 8.17
N ASP A 121 16.37 -1.01 8.14
CA ASP A 121 16.12 -2.00 7.07
C ASP A 121 16.00 -1.32 5.71
N THR A 122 15.61 -0.04 5.70
CA THR A 122 15.31 0.67 4.48
C THR A 122 16.56 1.12 3.78
N VAL A 123 17.68 1.08 4.50
CA VAL A 123 19.01 1.45 3.97
C VAL A 123 20.02 0.32 3.96
N GLU A 124 19.57 -0.90 4.25
CA GLU A 124 20.43 -2.07 4.21
C GLU A 124 20.76 -2.34 2.74
N GLY A 125 22.04 -2.52 2.48
CA GLY A 125 22.51 -2.80 1.14
C GLY A 125 22.80 -1.58 0.30
N ILE A 126 22.57 -0.38 0.85
CA ILE A 126 22.93 0.87 0.18
C ILE A 126 24.25 1.31 0.78
N THR A 127 25.11 1.82 -0.06
CA THR A 127 26.39 2.34 0.36
C THR A 127 26.52 3.74 -0.26
N GLY A 128 27.43 4.54 0.29
CA GLY A 128 27.72 5.88 -0.23
C GLY A 128 26.99 6.91 0.61
N ASN A 129 26.94 8.16 0.13
CA ASN A 129 26.30 9.19 0.91
C ASN A 129 24.79 9.18 0.64
N LEU A 130 24.08 8.29 1.35
CA LEU A 130 22.60 8.25 1.39
C LEU A 130 22.01 9.62 1.54
N PHE A 131 22.52 10.32 2.55
CA PHE A 131 21.98 11.56 2.98
C PHE A 131 22.02 12.52 1.81
N GLU A 132 23.20 12.77 1.23
CA GLU A 132 23.34 13.59 0.01
C GLU A 132 22.42 13.15 -1.09
N VAL A 133 22.45 11.87 -1.37
CA VAL A 133 21.74 11.32 -2.51
C VAL A 133 20.21 11.37 -2.35
N TYR A 134 19.72 11.09 -1.15
CA TYR A 134 18.28 11.08 -0.89
C TYR A 134 17.68 12.39 -0.37
N LEU A 135 18.31 12.96 0.65
CA LEU A 135 17.70 14.05 1.41
C LEU A 135 17.71 15.37 0.65
N LYS A 136 18.81 15.68 -0.02
CA LYS A 136 18.91 16.90 -0.79
C LYS A 136 17.85 17.06 -1.85
N PRO A 137 17.72 16.12 -2.78
CA PRO A 137 16.61 16.29 -3.74
C PRO A 137 15.18 16.24 -3.14
N TYR A 138 15.03 15.67 -1.95
CA TYR A 138 13.72 15.63 -1.33
C TYR A 138 13.32 16.99 -0.79
N PHE A 139 14.26 17.63 -0.11
CA PHE A 139 14.03 18.95 0.48
C PHE A 139 14.32 20.16 -0.45
N LEU A 140 15.22 20.05 -1.40
CA LEU A 140 15.69 21.19 -2.23
C LEU A 140 14.55 22.06 -2.75
N GLU A 141 14.48 23.29 -2.22
CA GLU A 141 13.51 24.34 -2.64
C GLU A 141 12.03 23.93 -2.59
N ALA A 142 11.70 23.00 -1.70
CA ALA A 142 10.36 22.47 -1.56
C ALA A 142 9.66 23.05 -0.35
N TYR A 143 10.43 23.64 0.57
CA TYR A 143 9.92 24.24 1.81
C TYR A 143 8.91 23.33 2.47
N ARG A 144 9.30 22.08 2.66
CA ARG A 144 8.41 21.11 3.29
C ARG A 144 8.32 21.45 4.75
N PRO A 145 7.10 21.55 5.28
CA PRO A 145 6.94 21.64 6.72
C PRO A 145 7.09 20.26 7.27
N ILE A 146 7.72 20.12 8.43
CA ILE A 146 7.86 18.83 9.06
C ILE A 146 7.74 18.90 10.58
N ARG A 147 7.36 17.78 11.20
CA ARG A 147 7.18 17.72 12.64
C ARG A 147 8.11 16.75 13.23
N LYS A 148 8.66 17.06 14.40
CA LYS A 148 9.40 16.08 15.18
C LYS A 148 8.58 14.83 15.34
N GLY A 149 9.20 13.68 15.21
CA GLY A 149 8.54 12.39 15.24
C GLY A 149 7.99 11.84 13.90
N ASP A 150 7.91 12.67 12.85
CA ASP A 150 7.42 12.25 11.53
C ASP A 150 8.36 11.17 10.99
N ILE A 151 7.83 10.20 10.29
CA ILE A 151 8.61 9.35 9.43
C ILE A 151 8.25 9.69 8.00
N PHE A 152 9.25 9.79 7.13
CA PHE A 152 9.00 10.07 5.73
C PHE A 152 9.81 9.18 4.81
N LEU A 153 9.31 9.05 3.59
CA LEU A 153 9.75 8.10 2.61
C LEU A 153 10.28 8.89 1.43
N VAL A 154 11.47 8.49 0.96
CA VAL A 154 12.13 9.11 -0.22
C VAL A 154 12.42 8.00 -1.23
N ARG A 155 12.10 8.24 -2.50
CA ARG A 155 12.31 7.26 -3.59
C ARG A 155 13.39 7.67 -4.56
N GLY A 156 14.16 6.69 -5.03
CA GLY A 156 15.22 6.91 -5.98
C GLY A 156 16.20 5.75 -5.93
N GLY A 157 17.05 5.63 -6.96
CA GLY A 157 18.06 4.56 -7.04
C GLY A 157 17.46 3.17 -6.99
N MET A 158 16.28 3.05 -7.59
CA MET A 158 15.49 1.79 -7.59
C MET A 158 15.14 1.22 -6.20
N ARG A 159 14.88 2.12 -5.27
CA ARG A 159 14.40 1.70 -3.96
C ARG A 159 13.73 2.87 -3.24
N ALA A 160 13.27 2.60 -2.03
CA ALA A 160 12.74 3.61 -1.17
C ALA A 160 13.43 3.55 0.20
N VAL A 161 13.58 4.71 0.82
CA VAL A 161 14.35 4.83 2.02
C VAL A 161 13.46 5.57 2.98
N GLU A 162 13.55 5.25 4.26
CA GLU A 162 12.78 5.95 5.27
C GLU A 162 13.65 6.60 6.31
N PHE A 163 13.22 7.79 6.72
CA PHE A 163 13.85 8.54 7.77
C PHE A 163 12.85 8.99 8.81
N LYS A 164 13.33 9.10 10.04
CA LYS A 164 12.59 9.71 11.13
C LYS A 164 13.15 11.12 11.37
N VAL A 165 12.26 12.06 11.68
CA VAL A 165 12.65 13.38 12.16
C VAL A 165 12.77 13.23 13.68
N VAL A 166 13.97 13.28 14.22
CA VAL A 166 14.17 13.01 15.66
C VAL A 166 14.23 14.31 16.49
N GLU A 167 14.52 15.43 15.82
CA GLU A 167 14.58 16.73 16.47
C GLU A 167 14.47 17.83 15.43
N THR A 168 13.92 18.95 15.89
CA THR A 168 13.64 20.10 15.05
C THR A 168 13.91 21.39 15.86
N ASP A 169 14.36 22.45 15.18
CA ASP A 169 14.63 23.74 15.79
C ASP A 169 14.27 24.90 14.87
N PRO A 170 13.27 25.71 15.20
CA PRO A 170 12.36 25.60 16.38
C PRO A 170 11.62 24.26 16.51
N SER A 171 11.23 23.93 17.74
CA SER A 171 10.53 22.70 18.11
C SER A 171 9.04 23.01 18.33
N PRO A 172 8.10 22.07 18.03
CA PRO A 172 8.37 20.74 17.47
C PRO A 172 8.08 20.69 15.96
N TYR A 173 7.92 21.84 15.31
CA TYR A 173 7.81 21.86 13.86
C TYR A 173 8.53 23.03 13.21
N CYS A 174 8.87 22.85 11.94
CA CYS A 174 9.48 23.92 11.16
C CYS A 174 9.35 23.65 9.68
N ILE A 175 9.73 24.63 8.87
CA ILE A 175 9.85 24.48 7.45
C ILE A 175 11.32 24.19 7.17
N VAL A 176 11.60 23.21 6.33
CA VAL A 176 12.94 22.90 5.85
C VAL A 176 13.23 23.77 4.61
N ALA A 177 14.04 24.79 4.84
CA ALA A 177 14.32 25.86 3.89
C ALA A 177 15.78 25.74 3.51
N PRO A 178 16.19 26.40 2.41
CA PRO A 178 17.59 26.38 1.97
C PRO A 178 18.61 26.53 3.08
N ASP A 179 18.33 27.43 4.02
CA ASP A 179 19.21 27.74 5.17
C ASP A 179 19.22 26.70 6.28
N THR A 180 18.29 25.74 6.20
CA THR A 180 18.12 24.79 7.26
C THR A 180 19.25 23.77 7.14
N VAL A 181 19.95 23.58 8.24
CA VAL A 181 21.00 22.57 8.32
C VAL A 181 20.38 21.27 8.68
N ILE A 182 20.84 20.18 8.08
CA ILE A 182 20.28 18.85 8.30
C ILE A 182 21.37 17.95 8.93
N HIS A 183 21.18 17.52 10.18
CA HIS A 183 22.11 16.60 10.88
CA HIS A 183 22.14 16.62 10.84
C HIS A 183 21.63 15.16 10.72
N CYS A 184 22.53 14.24 10.36
CA CYS A 184 22.22 12.80 10.24
C CYS A 184 23.08 11.83 11.08
N GLU A 185 23.98 12.32 11.93
CA GLU A 185 24.70 11.43 12.88
C GLU A 185 23.79 10.88 13.98
N GLY A 186 24.01 9.61 14.32
CA GLY A 186 23.29 8.90 15.40
C GLY A 186 23.15 7.41 15.10
N GLU A 187 22.62 6.66 16.07
CA GLU A 187 22.25 5.24 15.88
C GLU A 187 21.03 5.12 14.93
N PRO A 188 21.09 4.29 13.87
CA PRO A 188 19.92 4.13 13.03
C PRO A 188 18.72 3.61 13.81
N ILE A 189 17.55 4.08 13.40
CA ILE A 189 16.30 3.74 14.03
C ILE A 189 15.94 2.33 13.59
N LYS A 190 15.36 1.54 14.51
CA LYS A 190 14.92 0.17 14.21
C LYS A 190 13.52 0.23 13.64
N ARG A 191 13.28 -0.58 12.62
CA ARG A 191 12.03 -0.53 11.89
C ARG A 191 10.86 -1.11 12.68
N GLU A 192 11.17 -2.04 13.57
CA GLU A 192 10.20 -2.64 14.47
C GLU A 192 9.63 -1.62 15.48
N ASP A 193 10.42 -0.65 15.93
CA ASP A 193 9.94 0.34 16.91
C ASP A 193 9.12 1.47 16.31
N GLU A 194 8.56 1.31 15.13
CA GLU A 194 8.12 2.48 14.44
C GLU A 194 7.10 2.09 13.39
N GLU A 195 6.08 2.93 13.21
CA GLU A 195 4.91 2.53 12.49
C GLU A 195 4.96 3.24 11.16
N GLU A 196 5.34 2.48 10.14
CA GLU A 196 5.52 3.00 8.79
C GLU A 196 5.21 1.89 7.77
N SER A 197 5.30 2.20 6.50
CA SER A 197 4.79 1.30 5.48
C SER A 197 5.80 0.90 4.43
N TRP A 198 7.09 1.10 4.69
CA TRP A 198 8.13 0.60 3.79
C TRP A 198 7.83 -0.85 3.44
N ASN A 199 7.64 -1.10 2.14
CA ASN A 199 7.51 -2.47 1.67
C ASN A 199 6.23 -3.15 2.04
N GLU A 200 5.24 -2.37 2.44
CA GLU A 200 3.93 -2.84 2.77
C GLU A 200 3.03 -2.36 1.66
N VAL A 201 2.33 -3.29 1.10
CA VAL A 201 1.44 -3.10 0.00
C VAL A 201 0.22 -2.30 0.50
N GLY A 202 -0.20 -1.34 -0.33
CA GLY A 202 -1.37 -0.52 -0.05
C GLY A 202 -2.17 -0.28 -1.32
N TYR A 203 -3.21 0.51 -1.18
CA TYR A 203 -4.10 0.78 -2.30
C TYR A 203 -3.40 1.62 -3.37
N ASP A 204 -2.43 2.43 -2.96
CA ASP A 204 -1.54 3.20 -3.84
C ASP A 204 -0.61 2.33 -4.67
N ASP A 205 -0.41 1.06 -4.27
CA ASP A 205 0.33 0.03 -5.03
C ASP A 205 -0.52 -0.74 -6.03
N ILE A 206 -1.80 -0.41 -6.13
CA ILE A 206 -2.74 -1.11 -6.99
C ILE A 206 -3.27 -0.12 -7.97
N GLY A 207 -3.28 -0.49 -9.25
CA GLY A 207 -3.89 0.34 -10.28
C GLY A 207 -4.86 -0.39 -11.17
N GLY A 208 -5.62 0.41 -11.92
CA GLY A 208 -6.47 -0.12 -12.98
C GLY A 208 -7.69 -0.94 -12.57
N CYS A 209 -8.07 -0.91 -11.28
CA CYS A 209 -9.25 -1.65 -10.86
C CYS A 209 -9.99 -0.98 -9.70
N ARG A 210 -10.33 0.29 -9.94
CA ARG A 210 -10.98 1.16 -8.95
C ARG A 210 -12.34 0.65 -8.47
N LYS A 211 -13.24 0.31 -9.40
CA LYS A 211 -14.58 -0.18 -9.08
C LYS A 211 -14.54 -1.39 -8.14
N GLN A 212 -13.72 -2.37 -8.47
CA GLN A 212 -13.74 -3.62 -7.70
C GLN A 212 -13.10 -3.49 -6.34
N LEU A 213 -12.07 -2.68 -6.28
CA LEU A 213 -11.45 -2.34 -5.04
C LEU A 213 -12.44 -1.56 -4.16
N ALA A 214 -13.26 -0.71 -4.78
CA ALA A 214 -14.24 0.05 -4.00
C ALA A 214 -15.31 -0.87 -3.42
N GLN A 215 -15.63 -1.95 -4.14
CA GLN A 215 -16.58 -2.93 -3.66
C GLN A 215 -16.00 -3.71 -2.47
N ILE A 216 -14.77 -4.15 -2.60
CA ILE A 216 -14.13 -4.92 -1.55
C ILE A 216 -14.03 -4.09 -0.29
N LYS A 217 -13.55 -2.87 -0.46
CA LYS A 217 -13.53 -1.86 0.61
C LYS A 217 -14.84 -1.77 1.42
N GLU A 218 -15.92 -1.49 0.73
CA GLU A 218 -17.20 -1.36 1.34
C GLU A 218 -17.63 -2.69 1.97
N MET A 219 -17.37 -3.82 1.31
CA MET A 219 -17.67 -5.10 1.89
C MET A 219 -17.03 -5.37 3.26
N VAL A 220 -15.78 -4.98 3.44
CA VAL A 220 -15.04 -5.33 4.67
C VAL A 220 -14.94 -4.23 5.71
N GLU A 221 -15.36 -3.03 5.32
CA GLU A 221 -15.43 -1.86 6.19
C GLU A 221 -15.91 -2.18 7.59
N LEU A 222 -17.15 -2.64 7.72
CA LEU A 222 -17.72 -2.80 9.06
C LEU A 222 -17.06 -3.93 9.84
N PRO A 223 -16.87 -5.09 9.21
CA PRO A 223 -16.30 -6.20 9.97
C PRO A 223 -14.89 -5.99 10.53
N LEU A 224 -14.03 -5.35 9.74
CA LEU A 224 -12.65 -5.18 10.07
C LEU A 224 -12.41 -3.91 10.82
N ARG A 225 -13.11 -2.85 10.46
CA ARG A 225 -12.93 -1.54 11.12
C ARG A 225 -13.87 -1.25 12.28
N HIS A 226 -15.04 -1.88 12.33
CA HIS A 226 -16.00 -1.67 13.41
C HIS A 226 -16.52 -2.99 13.92
N PRO A 227 -15.62 -3.90 14.30
CA PRO A 227 -15.98 -5.23 14.69
C PRO A 227 -16.96 -5.32 15.85
N ALA A 228 -16.85 -4.39 16.82
CA ALA A 228 -17.66 -4.44 18.04
C ALA A 228 -19.13 -4.22 17.73
N LEU A 229 -19.39 -3.57 16.61
CA LEU A 229 -20.73 -3.53 16.05
C LEU A 229 -21.46 -4.84 16.01
N PHE A 230 -20.77 -5.93 15.72
CA PHE A 230 -21.49 -7.19 15.42
C PHE A 230 -21.90 -8.01 16.63
N LYS A 231 -21.38 -7.62 17.78
CA LYS A 231 -21.90 -8.12 19.03
C LYS A 231 -23.21 -7.34 19.39
N ALA A 232 -23.35 -6.10 18.95
CA ALA A 232 -24.58 -5.32 19.11
C ALA A 232 -25.73 -5.66 18.14
N ILE A 233 -25.46 -6.13 16.93
CA ILE A 233 -26.54 -6.39 15.95
C ILE A 233 -26.54 -7.82 15.48
N GLY A 234 -27.72 -8.22 15.03
CA GLY A 234 -27.95 -9.59 14.64
C GLY A 234 -27.83 -9.81 13.16
N VAL A 235 -27.41 -8.80 12.39
CA VAL A 235 -27.18 -8.97 10.94
C VAL A 235 -25.85 -9.69 10.67
N LYS A 236 -25.82 -10.54 9.64
CA LYS A 236 -24.62 -11.24 9.21
C LYS A 236 -23.82 -10.48 8.14
N PRO A 237 -22.54 -10.20 8.41
CA PRO A 237 -21.68 -9.61 7.40
C PRO A 237 -21.26 -10.70 6.40
N PRO A 238 -20.80 -10.32 5.19
CA PRO A 238 -20.19 -11.35 4.34
C PRO A 238 -18.95 -11.87 5.04
N ARG A 239 -18.69 -13.14 4.91
CA ARG A 239 -17.51 -13.69 5.57
C ARG A 239 -16.51 -14.31 4.57
N GLY A 240 -16.90 -14.41 3.30
CA GLY A 240 -16.10 -15.04 2.29
C GLY A 240 -16.27 -14.34 0.97
N ILE A 241 -15.14 -13.91 0.41
CA ILE A 241 -15.08 -13.23 -0.82
C ILE A 241 -14.11 -13.94 -1.73
N LEU A 242 -14.56 -14.17 -2.95
CA LEU A 242 -13.81 -14.88 -3.98
C LEU A 242 -13.40 -13.89 -5.07
N LEU A 243 -12.13 -13.89 -5.44
CA LEU A 243 -11.64 -12.97 -6.42
C LEU A 243 -11.33 -13.84 -7.64
N TYR A 244 -11.92 -13.52 -8.79
CA TYR A 244 -11.70 -14.19 -10.07
C TYR A 244 -10.91 -13.31 -10.99
N GLY A 245 -10.24 -13.92 -11.95
CA GLY A 245 -9.42 -13.23 -12.92
C GLY A 245 -8.21 -14.03 -13.33
N PRO A 246 -7.62 -13.69 -14.50
CA PRO A 246 -6.43 -14.44 -14.94
C PRO A 246 -5.26 -14.32 -13.94
N PRO A 247 -4.27 -15.18 -14.04
CA PRO A 247 -3.05 -15.03 -13.25
C PRO A 247 -2.34 -13.71 -13.54
N GLY A 248 -1.66 -13.19 -12.52
CA GLY A 248 -0.96 -11.91 -12.64
C GLY A 248 -1.81 -10.66 -12.53
N THR A 249 -3.03 -10.82 -12.04
CA THR A 249 -3.97 -9.70 -12.04
C THR A 249 -4.04 -9.01 -10.65
N GLY A 250 -3.18 -9.36 -9.68
CA GLY A 250 -3.09 -8.61 -8.43
C GLY A 250 -4.05 -9.02 -7.33
N LYS A 251 -4.54 -10.25 -7.38
CA LYS A 251 -5.48 -10.76 -6.40
C LYS A 251 -4.81 -10.90 -5.02
N THR A 252 -3.55 -11.31 -4.99
CA THR A 252 -2.81 -11.43 -3.72
C THR A 252 -2.51 -10.04 -3.16
N LEU A 253 -2.13 -9.17 -4.07
CA LEU A 253 -1.83 -7.79 -3.77
C LEU A 253 -3.07 -7.11 -3.17
N ILE A 254 -4.21 -7.34 -3.78
CA ILE A 254 -5.47 -6.79 -3.27
C ILE A 254 -5.76 -7.23 -1.86
N ALA A 255 -5.79 -8.51 -1.61
CA ALA A 255 -5.99 -9.01 -0.27
C ALA A 255 -5.02 -8.40 0.77
N ARG A 256 -3.75 -8.33 0.43
CA ARG A 256 -2.72 -7.78 1.34
C ARG A 256 -2.93 -6.32 1.61
N ALA A 257 -3.38 -5.63 0.58
CA ALA A 257 -3.55 -4.20 0.64
C ALA A 257 -4.67 -3.89 1.56
N VAL A 258 -5.74 -4.65 1.40
CA VAL A 258 -6.87 -4.50 2.25
C VAL A 258 -6.53 -4.80 3.71
N ALA A 259 -5.80 -5.86 3.99
CA ALA A 259 -5.37 -6.11 5.38
C ALA A 259 -4.61 -4.92 5.91
N ASN A 260 -3.59 -4.47 5.17
CA ASN A 260 -2.74 -3.39 5.65
C ASN A 260 -3.49 -2.10 5.86
N GLU A 261 -4.40 -1.82 4.95
CA GLU A 261 -5.06 -0.55 4.92
C GLU A 261 -6.16 -0.49 6.01
N THR A 262 -6.63 -1.66 6.45
CA THR A 262 -7.61 -1.77 7.52
C THR A 262 -6.98 -2.16 8.88
N GLY A 263 -5.68 -2.43 8.95
CA GLY A 263 -5.08 -2.81 10.23
C GLY A 263 -5.40 -4.23 10.67
N ALA A 264 -5.95 -5.02 9.74
CA ALA A 264 -6.27 -6.38 10.02
C ALA A 264 -5.02 -7.24 9.90
N PHE A 265 -5.03 -8.33 10.67
CA PHE A 265 -4.10 -9.43 10.58
C PHE A 265 -4.23 -10.15 9.24
N PHE A 266 -3.11 -10.55 8.68
CA PHE A 266 -3.15 -11.23 7.42
C PHE A 266 -2.53 -12.61 7.57
N PHE A 267 -3.24 -13.64 7.15
CA PHE A 267 -2.69 -14.98 7.07
C PHE A 267 -2.89 -15.49 5.64
N LEU A 268 -1.78 -15.73 4.98
CA LEU A 268 -1.78 -16.31 3.65
C LEU A 268 -1.72 -17.83 3.76
N ILE A 269 -2.61 -18.50 3.04
CA ILE A 269 -2.56 -19.94 2.80
C ILE A 269 -2.23 -20.11 1.34
N ASN A 270 -1.12 -20.78 1.06
CA ASN A 270 -0.80 -21.07 -0.35
C ASN A 270 -1.30 -22.48 -0.73
N GLY A 271 -2.02 -22.55 -1.82
CA GLY A 271 -2.72 -23.75 -2.19
C GLY A 271 -1.79 -24.92 -2.39
N PRO A 272 -0.83 -24.75 -3.31
CA PRO A 272 0.22 -25.71 -3.48
C PRO A 272 0.94 -26.10 -2.20
N GLU A 273 1.24 -25.15 -1.32
CA GLU A 273 1.96 -25.53 -0.10
C GLU A 273 1.18 -26.52 0.75
N ILE A 274 -0.13 -26.31 0.82
CA ILE A 274 -1.03 -27.18 1.58
C ILE A 274 -0.95 -28.58 0.99
N MET A 275 -1.10 -28.67 -0.32
CA MET A 275 -1.19 -29.93 -0.99
C MET A 275 0.13 -30.66 -1.08
N SER A 276 1.23 -29.95 -0.93
CA SER A 276 2.53 -30.57 -0.85
C SER A 276 2.72 -31.42 0.42
N LYS A 277 1.78 -31.40 1.38
CA LYS A 277 1.98 -32.16 2.64
C LYS A 277 1.37 -33.55 2.63
N LEU A 278 1.92 -34.42 3.47
CA LEU A 278 1.27 -35.68 3.85
C LEU A 278 -0.16 -35.34 4.25
N ALA A 279 -1.10 -36.24 4.00
CA ALA A 279 -2.50 -36.02 4.47
C ALA A 279 -2.56 -35.93 6.01
N GLY A 280 -3.53 -35.15 6.51
CA GLY A 280 -3.65 -34.97 7.95
C GLY A 280 -2.85 -33.76 8.35
N GLU A 281 -1.62 -33.69 7.87
CA GLU A 281 -0.83 -32.47 7.90
C GLU A 281 -1.52 -31.35 7.08
N SER A 282 -1.91 -31.62 5.84
CA SER A 282 -2.63 -30.62 5.02
C SER A 282 -3.83 -30.09 5.81
N GLU A 283 -4.63 -31.01 6.34
CA GLU A 283 -5.81 -30.67 7.11
C GLU A 283 -5.50 -30.00 8.42
N SER A 284 -4.50 -30.46 9.15
CA SER A 284 -4.08 -29.81 10.38
C SER A 284 -3.62 -28.36 10.07
N ASN A 285 -2.83 -28.18 9.01
CA ASN A 285 -2.37 -26.83 8.58
C ASN A 285 -3.49 -25.86 8.23
N LEU A 286 -4.53 -26.32 7.51
CA LEU A 286 -5.72 -25.49 7.30
C LEU A 286 -6.37 -25.05 8.61
N ARG A 287 -6.61 -26.00 9.49
CA ARG A 287 -7.29 -25.71 10.78
C ARG A 287 -6.42 -24.75 11.62
N LYS A 288 -5.12 -25.00 11.66
CA LYS A 288 -4.21 -24.07 12.34
C LYS A 288 -4.30 -22.64 11.80
N ALA A 289 -4.44 -22.49 10.50
CA ALA A 289 -4.59 -21.19 9.88
C ALA A 289 -5.84 -20.47 10.33
N PHE A 290 -6.94 -21.20 10.35
CA PHE A 290 -8.16 -20.63 10.81
C PHE A 290 -8.13 -20.32 12.31
N GLU A 291 -7.46 -21.14 13.14
CA GLU A 291 -7.34 -20.80 14.58
C GLU A 291 -6.52 -19.54 14.83
N GLU A 292 -5.46 -19.38 14.06
CA GLU A 292 -4.56 -18.25 14.19
C GLU A 292 -5.26 -16.93 13.81
N ALA A 293 -5.96 -16.93 12.69
CA ALA A 293 -6.70 -15.73 12.28
C ALA A 293 -7.74 -15.32 13.33
N GLU A 294 -8.41 -16.32 13.91
CA GLU A 294 -9.37 -16.06 14.97
C GLU A 294 -8.67 -15.43 16.19
N LYS A 295 -7.56 -15.98 16.63
CA LYS A 295 -6.87 -15.40 17.79
C LYS A 295 -6.33 -13.98 17.55
N ASN A 296 -6.06 -13.61 16.31
CA ASN A 296 -5.54 -12.28 16.03
C ASN A 296 -6.55 -11.41 15.36
N ALA A 297 -7.81 -11.83 15.33
CA ALA A 297 -8.82 -11.06 14.61
C ALA A 297 -8.95 -9.66 15.19
N PRO A 298 -9.45 -8.67 14.45
CA PRO A 298 -9.92 -8.76 13.02
C PRO A 298 -8.85 -9.25 12.07
N ALA A 299 -9.20 -10.10 11.13
CA ALA A 299 -8.19 -10.82 10.36
C ALA A 299 -8.73 -11.15 8.99
N ILE A 300 -7.85 -11.16 7.98
CA ILE A 300 -8.14 -11.73 6.66
C ILE A 300 -7.31 -12.98 6.42
N ILE A 301 -7.97 -14.06 6.04
CA ILE A 301 -7.33 -15.25 5.50
C ILE A 301 -7.40 -15.21 3.98
N PHE A 302 -6.24 -15.18 3.34
CA PHE A 302 -6.22 -15.22 1.92
C PHE A 302 -5.75 -16.60 1.45
N ILE A 303 -6.56 -17.22 0.59
CA ILE A 303 -6.22 -18.50 0.02
C ILE A 303 -5.80 -18.28 -1.40
N ASP A 304 -4.49 -18.37 -1.62
CA ASP A 304 -3.92 -18.27 -2.96
C ASP A 304 -4.05 -19.61 -3.68
N GLU A 305 -4.46 -19.54 -4.96
CA GLU A 305 -4.60 -20.71 -5.82
C GLU A 305 -5.57 -21.74 -5.20
N LEU A 306 -6.72 -21.27 -4.79
CA LEU A 306 -7.76 -22.09 -4.16
C LEU A 306 -8.08 -23.39 -4.90
N ASP A 307 -8.17 -23.32 -6.24
CA ASP A 307 -8.37 -24.50 -7.10
C ASP A 307 -7.34 -25.62 -6.96
N ALA A 308 -6.16 -25.36 -6.42
CA ALA A 308 -5.22 -26.42 -5.98
C ALA A 308 -5.83 -27.26 -4.87
N ILE A 309 -6.65 -26.63 -4.04
CA ILE A 309 -7.19 -27.25 -2.84
C ILE A 309 -8.63 -27.71 -2.98
N ALA A 310 -9.47 -26.93 -3.64
CA ALA A 310 -10.88 -27.22 -3.73
C ALA A 310 -11.36 -27.22 -5.16
N PRO A 311 -10.84 -28.14 -5.96
CA PRO A 311 -11.46 -28.35 -7.25
C PRO A 311 -12.83 -29.06 -7.16
N LYS A 312 -13.53 -28.95 -8.27
CA LYS A 312 -14.80 -29.66 -8.54
C LYS A 312 -14.67 -31.18 -8.34
N ARG A 313 -15.76 -31.88 -8.05
CA ARG A 313 -15.75 -33.37 -7.99
C ARG A 313 -15.45 -34.10 -9.33
N GLU A 314 -15.82 -33.50 -10.47
CA GLU A 314 -15.46 -34.07 -11.80
C GLU A 314 -13.95 -34.24 -11.95
N LYS A 315 -13.20 -33.24 -11.48
CA LYS A 315 -11.76 -33.18 -11.65
C LYS A 315 -10.97 -33.59 -10.36
N THR A 316 -11.63 -34.24 -9.40
CA THR A 316 -10.94 -34.77 -8.22
C THR A 316 -10.30 -36.13 -8.53
N HIS A 317 -9.21 -36.43 -7.86
CA HIS A 317 -8.56 -37.73 -7.97
C HIS A 317 -8.33 -38.23 -6.56
N GLY A 318 -9.08 -39.23 -6.15
CA GLY A 318 -8.79 -39.91 -4.92
C GLY A 318 -9.25 -39.17 -3.70
N GLU A 319 -8.96 -39.78 -2.55
CA GLU A 319 -9.71 -39.58 -1.32
C GLU A 319 -9.02 -38.67 -0.28
N VAL A 320 -7.72 -38.49 -0.36
CA VAL A 320 -7.09 -37.41 0.40
C VAL A 320 -7.51 -36.07 -0.18
N GLU A 321 -7.68 -36.01 -1.49
CA GLU A 321 -8.10 -34.79 -2.14
C GLU A 321 -9.54 -34.41 -1.81
N ARG A 322 -10.43 -35.41 -1.74
CA ARG A 322 -11.80 -35.17 -1.26
C ARG A 322 -11.76 -34.75 0.20
N ARG A 323 -10.95 -35.38 1.03
CA ARG A 323 -10.96 -35.05 2.43
C ARG A 323 -10.62 -33.60 2.62
N ILE A 324 -9.64 -33.11 1.84
CA ILE A 324 -9.12 -31.76 1.98
C ILE A 324 -10.10 -30.68 1.52
N VAL A 325 -10.78 -30.84 0.37
CA VAL A 325 -11.92 -29.94 0.06
C VAL A 325 -12.93 -29.95 1.24
N SER A 326 -13.26 -31.15 1.73
CA SER A 326 -14.25 -31.29 2.82
C SER A 326 -13.82 -30.52 4.06
N GLN A 327 -12.55 -30.66 4.43
CA GLN A 327 -12.00 -29.95 5.59
C GLN A 327 -12.17 -28.45 5.39
N LEU A 328 -11.97 -27.96 4.16
CA LEU A 328 -12.09 -26.52 3.90
C LEU A 328 -13.51 -26.03 4.07
N LEU A 329 -14.47 -26.77 3.52
CA LEU A 329 -15.88 -26.40 3.64
C LEU A 329 -16.34 -26.43 5.12
N THR A 330 -15.95 -27.43 5.87
CA THR A 330 -16.20 -27.44 7.32
C THR A 330 -15.64 -26.20 8.03
N LEU A 331 -14.40 -25.84 7.75
CA LEU A 331 -13.84 -24.61 8.34
C LEU A 331 -14.62 -23.35 7.93
N MET A 332 -14.97 -23.20 6.64
CA MET A 332 -15.81 -22.08 6.19
C MET A 332 -17.13 -22.00 6.94
N ASP A 333 -17.78 -23.14 7.13
CA ASP A 333 -18.99 -23.21 7.95
C ASP A 333 -18.74 -22.82 9.42
N GLY A 334 -17.57 -23.12 9.97
CA GLY A 334 -17.26 -22.71 11.33
C GLY A 334 -16.89 -21.23 11.48
N LEU A 335 -16.86 -20.48 10.37
CA LEU A 335 -16.36 -19.13 10.39
C LEU A 335 -17.37 -18.23 11.05
N LYS A 336 -18.66 -18.43 10.83
CA LYS A 336 -19.63 -17.59 11.54
C LYS A 336 -19.44 -17.64 13.07
N GLN A 337 -18.93 -18.76 13.59
CA GLN A 337 -18.57 -18.87 15.02
C GLN A 337 -17.25 -18.21 15.47
N ARG A 338 -16.43 -17.71 14.54
CA ARG A 338 -15.18 -17.00 14.88
C ARG A 338 -15.23 -15.57 14.33
N ALA A 339 -15.30 -14.62 15.25
CA ALA A 339 -15.42 -13.20 14.94
C ALA A 339 -13.99 -12.65 14.90
N HIS A 340 -13.57 -11.84 13.93
CA HIS A 340 -14.29 -11.22 12.83
C HIS A 340 -13.34 -11.46 11.66
N VAL A 341 -13.51 -12.61 11.02
CA VAL A 341 -12.60 -13.14 10.06
C VAL A 341 -13.27 -13.14 8.71
N ILE A 342 -12.63 -12.49 7.74
CA ILE A 342 -13.03 -12.56 6.34
C ILE A 342 -12.07 -13.53 5.70
N VAL A 343 -12.56 -14.43 4.86
CA VAL A 343 -11.72 -15.32 4.08
C VAL A 343 -11.83 -14.80 2.66
N MET A 344 -10.69 -14.43 2.11
CA MET A 344 -10.60 -14.10 0.72
C MET A 344 -9.85 -15.23 0.06
N ALA A 345 -10.19 -15.50 -1.18
CA ALA A 345 -9.61 -16.58 -1.90
C ALA A 345 -9.61 -16.22 -3.37
N ALA A 346 -8.61 -16.75 -4.07
CA ALA A 346 -8.32 -16.40 -5.44
C ALA A 346 -8.36 -17.61 -6.37
N THR A 347 -8.94 -17.46 -7.54
CA THR A 347 -8.84 -18.47 -8.55
C THR A 347 -9.02 -17.92 -9.96
N ASN A 348 -8.60 -18.75 -10.93
CA ASN A 348 -8.70 -18.38 -12.35
CA ASN A 348 -8.71 -18.43 -12.37
C ASN A 348 -10.13 -18.14 -12.86
N ARG A 349 -11.12 -18.95 -12.41
CA ARG A 349 -12.55 -18.76 -12.79
C ARG A 349 -13.54 -19.59 -11.94
N PRO A 350 -14.84 -19.22 -11.96
CA PRO A 350 -15.80 -20.02 -11.13
C PRO A 350 -15.75 -21.55 -11.37
N ASN A 351 -15.61 -21.94 -12.63
CA ASN A 351 -15.78 -23.33 -13.06
C ASN A 351 -14.72 -24.27 -12.53
N SER A 352 -13.57 -23.73 -12.15
CA SER A 352 -12.48 -24.50 -11.59
C SER A 352 -13.01 -25.25 -10.35
N ILE A 353 -13.49 -24.44 -9.42
CA ILE A 353 -13.63 -24.84 -8.03
C ILE A 353 -14.95 -25.55 -7.73
N ASP A 354 -14.95 -26.26 -6.60
CA ASP A 354 -16.14 -26.93 -6.04
C ASP A 354 -17.33 -25.96 -5.79
N PRO A 355 -18.48 -26.15 -6.49
CA PRO A 355 -19.58 -25.19 -6.32
C PRO A 355 -20.21 -25.15 -4.93
N ALA A 356 -19.97 -26.16 -4.10
CA ALA A 356 -20.32 -26.10 -2.67
C ALA A 356 -19.64 -24.95 -1.89
N LEU A 357 -18.56 -24.40 -2.43
CA LEU A 357 -17.92 -23.22 -1.84
C LEU A 357 -18.72 -21.97 -1.91
N ARG A 358 -19.58 -21.87 -2.92
CA ARG A 358 -20.54 -20.78 -3.05
C ARG A 358 -21.74 -20.77 -2.12
N ARG A 359 -21.95 -21.79 -1.30
CA ARG A 359 -23.15 -21.81 -0.48
C ARG A 359 -23.20 -20.60 0.48
N PHE A 360 -24.41 -20.12 0.73
CA PHE A 360 -24.67 -19.11 1.74
C PHE A 360 -23.82 -19.43 2.98
N GLY A 361 -23.11 -18.41 3.48
CA GLY A 361 -22.28 -18.57 4.66
C GLY A 361 -20.89 -19.18 4.48
N ARG A 362 -20.50 -19.42 3.22
CA ARG A 362 -19.12 -19.77 2.83
C ARG A 362 -18.63 -18.63 1.95
N PHE A 363 -18.29 -18.87 0.69
CA PHE A 363 -17.93 -17.78 -0.21
C PHE A 363 -19.19 -17.24 -0.82
N ASP A 364 -19.85 -16.36 -0.09
CA ASP A 364 -21.09 -15.75 -0.58
C ASP A 364 -20.92 -14.43 -1.34
N ARG A 365 -19.69 -13.98 -1.56
CA ARG A 365 -19.43 -12.81 -2.42
C ARG A 365 -18.32 -13.11 -3.43
N GLU A 366 -18.52 -12.69 -4.68
CA GLU A 366 -17.56 -12.87 -5.77
C GLU A 366 -17.18 -11.52 -6.38
N VAL A 367 -15.90 -11.33 -6.72
CA VAL A 367 -15.44 -10.15 -7.46
C VAL A 367 -14.56 -10.55 -8.65
N ASP A 368 -14.90 -9.95 -9.80
CA ASP A 368 -14.19 -10.19 -11.06
CA ASP A 368 -14.22 -10.18 -11.07
C ASP A 368 -13.13 -9.13 -11.28
N ILE A 369 -11.87 -9.52 -11.10
CA ILE A 369 -10.71 -8.65 -11.29
C ILE A 369 -10.20 -8.87 -12.71
N GLY A 370 -10.66 -8.08 -13.64
CA GLY A 370 -10.41 -8.39 -15.06
C GLY A 370 -9.05 -7.90 -15.47
N ILE A 371 -8.90 -7.57 -16.75
CA ILE A 371 -7.61 -7.15 -17.23
C ILE A 371 -7.68 -5.64 -17.34
N PRO A 372 -6.60 -4.96 -16.95
CA PRO A 372 -6.69 -3.52 -16.96
C PRO A 372 -6.85 -3.00 -18.41
N ASP A 373 -7.41 -1.82 -18.55
CA ASP A 373 -7.48 -1.12 -19.84
C ASP A 373 -6.25 -0.19 -19.96
N ALA A 374 -6.22 0.64 -21.02
CA ALA A 374 -5.10 1.55 -21.25
C ALA A 374 -4.74 2.45 -20.10
N THR A 375 -5.76 3.10 -19.54
CA THR A 375 -5.60 4.01 -18.40
C THR A 375 -5.10 3.23 -17.16
N GLY A 376 -5.61 2.02 -16.98
CA GLY A 376 -5.18 1.19 -15.86
C GLY A 376 -3.73 0.75 -16.01
N ARG A 377 -3.35 0.48 -17.25
CA ARG A 377 -1.99 0.05 -17.47
C ARG A 377 -1.04 1.19 -17.17
N LEU A 378 -1.40 2.39 -17.63
CA LEU A 378 -0.58 3.56 -17.35
C LEU A 378 -0.32 3.68 -15.86
N GLU A 379 -1.40 3.58 -15.13
CA GLU A 379 -1.34 3.68 -13.68
C GLU A 379 -0.41 2.57 -13.10
N ILE A 380 -0.54 1.37 -13.62
CA ILE A 380 0.31 0.25 -13.23
C ILE A 380 1.80 0.50 -13.49
N LEU A 381 2.09 1.01 -14.68
CA LEU A 381 3.45 1.39 -15.03
C LEU A 381 4.02 2.50 -14.14
N GLN A 382 3.18 3.48 -13.77
CA GLN A 382 3.64 4.55 -12.86
C GLN A 382 4.00 3.99 -11.48
N ILE A 383 3.22 3.04 -11.01
CA ILE A 383 3.46 2.40 -9.74
C ILE A 383 4.76 1.65 -9.79
N HIS A 384 4.98 0.93 -10.88
CA HIS A 384 6.16 0.08 -10.93
C HIS A 384 7.45 0.79 -11.39
N THR A 385 7.36 2.08 -11.64
CA THR A 385 8.51 2.92 -11.92
C THR A 385 8.74 3.99 -10.86
N LYS A 386 7.91 4.05 -9.84
CA LYS A 386 8.07 5.10 -8.85
C LYS A 386 9.41 5.11 -8.08
N ASN A 387 10.16 4.02 -8.09
CA ASN A 387 11.52 4.09 -7.50
C ASN A 387 12.65 4.33 -8.46
N MET A 388 12.29 4.57 -9.73
CA MET A 388 13.29 4.61 -10.77
C MET A 388 13.47 6.06 -11.14
N LYS A 389 14.66 6.42 -11.64
CA LYS A 389 14.81 7.64 -12.40
C LYS A 389 14.50 7.35 -13.91
N LEU A 390 13.54 8.02 -14.50
CA LEU A 390 13.20 7.83 -15.92
C LEU A 390 13.65 9.02 -16.74
N ALA A 391 14.30 8.78 -17.86
CA ALA A 391 14.74 9.88 -18.71
C ALA A 391 13.53 10.55 -19.33
N ASP A 392 13.70 11.80 -19.74
CA ASP A 392 12.64 12.59 -20.34
C ASP A 392 11.96 11.93 -21.51
N ASP A 393 12.71 11.16 -22.27
CA ASP A 393 12.16 10.46 -23.46
C ASP A 393 11.22 9.27 -23.14
N VAL A 394 11.15 8.88 -21.86
CA VAL A 394 10.30 7.79 -21.44
C VAL A 394 8.88 8.26 -21.53
N ASP A 395 8.11 7.58 -22.36
CA ASP A 395 6.71 7.88 -22.60
C ASP A 395 5.91 6.69 -22.14
N LEU A 396 5.44 6.75 -20.91
CA LEU A 396 4.74 5.63 -20.34
C LEU A 396 3.36 5.49 -20.96
N GLU A 397 2.82 6.54 -21.56
CA GLU A 397 1.52 6.48 -22.22
C GLU A 397 1.57 5.61 -23.48
N GLN A 398 2.60 5.78 -24.28
CA GLN A 398 2.96 4.87 -25.41
C GLN A 398 3.06 3.39 -24.98
N VAL A 399 3.84 3.18 -23.92
CA VAL A 399 3.97 1.86 -23.36
C VAL A 399 2.63 1.30 -22.98
N ALA A 400 1.86 2.09 -22.25
CA ALA A 400 0.54 1.67 -21.91
C ALA A 400 -0.31 1.39 -23.18
N ASN A 401 -0.25 2.25 -24.18
CA ASN A 401 -1.10 2.04 -25.39
C ASN A 401 -0.80 0.76 -26.13
N GLU A 402 0.47 0.38 -26.14
CA GLU A 402 0.84 -0.80 -26.91
C GLU A 402 0.80 -2.14 -26.18
N THR A 403 0.53 -2.17 -24.88
CA THR A 403 0.51 -3.42 -24.13
C THR A 403 -0.90 -4.00 -23.95
N HIS A 404 -1.68 -4.01 -25.06
CA HIS A 404 -3.08 -4.51 -25.04
C HIS A 404 -3.09 -5.93 -24.52
N GLY A 405 -4.08 -6.25 -23.71
CA GLY A 405 -4.20 -7.59 -23.15
C GLY A 405 -3.24 -7.94 -22.00
N HIS A 406 -2.17 -7.16 -21.76
CA HIS A 406 -1.25 -7.44 -20.64
C HIS A 406 -1.94 -7.20 -19.30
N VAL A 407 -1.46 -7.91 -18.28
CA VAL A 407 -1.91 -7.74 -16.93
C VAL A 407 -0.82 -7.15 -16.06
N GLY A 408 -1.16 -6.82 -14.83
CA GLY A 408 -0.23 -6.21 -13.90
C GLY A 408 1.11 -6.91 -13.74
N ALA A 409 1.12 -8.22 -13.58
CA ALA A 409 2.41 -8.94 -13.55
C ALA A 409 3.27 -8.80 -14.82
N ASP A 410 2.63 -8.61 -15.99
CA ASP A 410 3.35 -8.42 -17.26
C ASP A 410 4.06 -7.09 -17.24
N LEU A 411 3.35 -6.07 -16.78
CA LEU A 411 3.91 -4.74 -16.79
C LEU A 411 4.97 -4.59 -15.69
N ALA A 412 4.78 -5.23 -14.55
CA ALA A 412 5.88 -5.21 -13.54
C ALA A 412 7.12 -5.91 -14.07
N ALA A 413 6.93 -7.03 -14.75
CA ALA A 413 8.04 -7.72 -15.36
C ALA A 413 8.72 -6.84 -16.38
N LEU A 414 7.91 -6.13 -17.16
CA LEU A 414 8.44 -5.21 -18.13
C LEU A 414 9.30 -4.12 -17.50
N CYS A 415 8.81 -3.51 -16.43
CA CYS A 415 9.55 -2.47 -15.74
C CYS A 415 10.83 -3.01 -15.14
N SER A 416 10.78 -4.21 -14.57
CA SER A 416 12.01 -4.81 -14.06
C SER A 416 13.00 -5.06 -15.20
N GLU A 417 12.49 -5.50 -16.36
CA GLU A 417 13.35 -5.86 -17.46
C GLU A 417 14.06 -4.62 -18.07
N ALA A 418 13.34 -3.51 -18.16
CA ALA A 418 13.94 -2.26 -18.63
C ALA A 418 14.96 -1.75 -17.62
N ALA A 419 14.63 -1.76 -16.34
CA ALA A 419 15.65 -1.36 -15.34
C ALA A 419 16.92 -2.17 -15.44
N LEU A 420 16.76 -3.47 -15.62
CA LEU A 420 17.91 -4.34 -15.68
C LEU A 420 18.75 -4.20 -16.95
N GLN A 421 18.09 -3.95 -18.09
CA GLN A 421 18.77 -3.63 -19.33
C GLN A 421 19.54 -2.34 -19.17
N ALA A 422 18.92 -1.31 -18.62
CA ALA A 422 19.64 -0.08 -18.34
C ALA A 422 20.86 -0.32 -17.43
N ILE A 423 20.74 -1.17 -16.43
CA ILE A 423 21.91 -1.46 -15.56
C ILE A 423 23.01 -2.24 -16.31
N ARG A 424 22.64 -3.14 -17.23
CA ARG A 424 23.66 -3.87 -17.97
C ARG A 424 24.48 -2.98 -18.91
N LYS A 425 23.79 -2.09 -19.60
CA LYS A 425 24.43 -1.01 -20.35
C LYS A 425 25.52 -0.38 -19.49
N LYS A 426 25.12 0.10 -18.31
CA LYS A 426 26.04 0.84 -17.44
C LYS A 426 27.05 0.01 -16.61
N MET A 427 26.85 -1.29 -16.46
CA MET A 427 27.84 -2.15 -15.77
C MET A 427 29.17 -2.29 -16.54
N ASP A 428 29.09 -2.30 -17.87
CA ASP A 428 30.28 -2.37 -18.72
C ASP A 428 31.18 -1.14 -18.53
N LEU A 429 30.58 0.03 -18.72
CA LEU A 429 31.21 1.33 -18.45
C LEU A 429 31.75 1.36 -17.02
N ILE A 430 30.93 0.93 -16.06
CA ILE A 430 31.33 0.75 -14.66
C ILE A 430 32.56 -0.15 -14.47
N ASP A 431 32.57 -1.31 -15.10
CA ASP A 431 33.70 -2.24 -14.93
C ASP A 431 34.97 -1.73 -15.67
N LEU A 432 34.77 -1.01 -16.78
CA LEU A 432 35.88 -0.37 -17.54
C LEU A 432 36.72 0.62 -16.71
N GLU A 433 36.08 1.29 -15.74
CA GLU A 433 36.73 2.25 -14.85
C GLU A 433 36.97 1.71 -13.41
N ASP A 434 36.84 0.39 -13.23
CA ASP A 434 37.03 -0.31 -11.95
C ASP A 434 36.01 0.14 -10.89
N GLU A 435 34.80 0.50 -11.34
CA GLU A 435 33.84 1.16 -10.47
C GLU A 435 33.01 0.17 -9.67
N THR A 436 32.69 0.60 -8.45
CA THR A 436 31.86 -0.12 -7.50
C THR A 436 30.48 0.55 -7.56
N ILE A 437 29.42 -0.22 -7.26
CA ILE A 437 28.04 0.30 -7.32
C ILE A 437 27.63 0.97 -6.00
N ASP A 438 27.07 2.14 -6.18
CA ASP A 438 27.04 3.21 -5.20
C ASP A 438 25.65 3.84 -5.23
N ALA A 439 25.18 4.34 -4.10
CA ALA A 439 23.95 5.14 -4.07
C ALA A 439 23.94 6.24 -5.15
N GLU A 440 25.06 6.96 -5.26
CA GLU A 440 25.23 8.01 -6.28
C GLU A 440 25.04 7.44 -7.67
N VAL A 441 25.67 6.29 -7.93
CA VAL A 441 25.60 5.67 -9.24
C VAL A 441 24.15 5.31 -9.54
N MET A 442 23.55 4.56 -8.62
CA MET A 442 22.17 4.09 -8.80
C MET A 442 21.16 5.21 -9.03
N ASN A 443 21.32 6.32 -8.30
CA ASN A 443 20.37 7.43 -8.37
C ASN A 443 20.49 8.34 -9.58
N SER A 444 21.69 8.42 -10.13
CA SER A 444 21.90 9.16 -11.35
C SER A 444 21.54 8.33 -12.58
N LEU A 445 21.45 7.00 -12.43
CA LEU A 445 21.23 6.10 -13.55
C LEU A 445 19.81 6.20 -14.09
N ALA A 446 19.63 6.82 -15.24
CA ALA A 446 18.30 6.93 -15.89
C ALA A 446 17.89 5.69 -16.68
N VAL A 447 16.65 5.23 -16.54
CA VAL A 447 16.11 4.26 -17.45
C VAL A 447 15.51 5.07 -18.64
N THR A 448 15.86 4.68 -19.87
CA THR A 448 15.46 5.42 -21.09
C THR A 448 14.42 4.70 -21.86
N MET A 449 13.86 5.37 -22.85
CA MET A 449 12.87 4.74 -23.73
C MET A 449 13.44 3.53 -24.46
N ASP A 450 14.71 3.62 -24.87
CA ASP A 450 15.38 2.51 -25.51
C ASP A 450 15.35 1.28 -24.66
N ASP A 451 15.58 1.47 -23.34
CA ASP A 451 15.53 0.36 -22.37
C ASP A 451 14.15 -0.32 -22.32
N PHE A 452 13.10 0.49 -22.23
CA PHE A 452 11.74 -0.02 -22.36
C PHE A 452 11.47 -0.62 -23.76
N ARG A 453 11.96 0.01 -24.83
CA ARG A 453 11.75 -0.54 -26.20
C ARG A 453 12.44 -1.89 -26.27
N TRP A 454 13.60 -2.00 -25.64
CA TRP A 454 14.32 -3.28 -25.67
C TRP A 454 13.51 -4.39 -24.98
N ALA A 455 13.03 -4.12 -23.77
CA ALA A 455 12.15 -5.05 -23.01
C ALA A 455 10.86 -5.37 -23.77
N LEU A 456 10.27 -4.39 -24.43
CA LEU A 456 9.07 -4.63 -25.21
C LEU A 456 9.28 -5.52 -26.40
N SER A 457 10.52 -5.67 -26.85
CA SER A 457 10.87 -6.43 -28.08
C SER A 457 11.35 -7.85 -27.84
N GLN A 458 11.38 -8.31 -26.61
CA GLN A 458 11.76 -9.66 -26.33
C GLN A 458 10.54 -10.58 -26.47
N SER A 459 10.79 -11.89 -26.48
CA SER A 459 9.72 -12.88 -26.38
C SER A 459 10.00 -13.83 -25.23
N ASN A 460 9.32 -13.62 -24.08
CA ASN A 460 9.28 -14.54 -22.90
C ASN A 460 8.31 -14.08 -21.80
PB ADP B . -2.30 -12.83 -8.81
O1B ADP B . -3.58 -12.37 -9.51
O2B ADP B . -2.59 -12.96 -7.29
O3B ADP B . -1.58 -14.01 -9.47
PA ADP B . -0.13 -11.27 -7.73
O1A ADP B . -0.86 -10.29 -6.84
O2A ADP B . 0.61 -12.46 -7.15
O3A ADP B . -1.08 -11.70 -9.01
O5' ADP B . 1.08 -10.42 -8.32
C5' ADP B . 1.48 -10.15 -9.64
C4' ADP B . 2.32 -8.88 -9.49
O4' ADP B . 2.09 -8.01 -10.60
C3' ADP B . 1.97 -8.07 -8.23
O3' ADP B . 2.82 -8.49 -7.17
C2' ADP B . 2.23 -6.69 -8.64
O2' ADP B . 3.65 -6.57 -8.65
C1' ADP B . 1.83 -6.71 -10.11
N9 ADP B . 0.44 -6.39 -10.28
C8 ADP B . -0.54 -7.19 -10.62
N7 ADP B . -1.70 -6.48 -10.71
C5 ADP B . -1.44 -5.21 -10.41
C6 ADP B . -2.20 -3.96 -10.31
N6 ADP B . -3.54 -3.96 -10.55
N1 ADP B . -1.50 -2.83 -9.97
C2 ADP B . -0.18 -2.86 -9.75
N3 ADP B . 0.55 -3.98 -9.81
C4 ADP B . -0.02 -5.16 -10.13
#